data_8W1A
#
_entry.id   8W1A
#
_cell.length_a   1.00
_cell.length_b   1.00
_cell.length_c   1.00
_cell.angle_alpha   90.00
_cell.angle_beta   90.00
_cell.angle_gamma   90.00
#
_symmetry.space_group_name_H-M   'P 1'
#
_entity_poly.entity_id   1
_entity_poly.type   'polypeptide(L)'
_entity_poly.pdbx_seq_one_letter_code
;MAAEDFLTIFLDDDESWNETLNMSGYDYSGNFSLEVSVCEMTTVVPYTWNVGILSLIFLINVLGNGLVTYIFCKHRSRAG
AIDILLLGICLNSLCLSISLLAEVLMFLFPNIISTGLCRLEIFFYYLYVYLDIFSVVCVSLVRYLLVAYSTRSWPKKQSL
GWVLTSAAWLIALVLSGDACRHRSRVVDPVSKQAMCYENAGNMTADWRLHVRTVSVTAGFLLPLALLILFYALTWCVVRR
TKLQARRKVRGVIVAVVVLFFVFCFPYHVLNLLDTLLRRRWIRDSCYTRGLINVGLAVTSLLQALYSAVVPLIYSCLGSL
FRQRMYGLFQSLRQSFMSGADYKDDDDKGRPLEVLFQGPHHHHHHHHHH
;
_entity_poly.pdbx_strand_id   A,B
#
# COMPACT_ATOMS: atom_id res chain seq x y z
N THR A 42 -24.46 8.46 -5.62
CA THR A 42 -24.19 7.75 -4.34
C THR A 42 -22.80 8.08 -3.82
N THR A 43 -22.59 7.85 -2.53
CA THR A 43 -21.29 8.03 -1.89
C THR A 43 -20.79 6.68 -1.41
N VAL A 44 -19.51 6.41 -1.64
CA VAL A 44 -18.95 5.09 -1.42
C VAL A 44 -18.64 4.85 0.06
N VAL A 45 -17.92 5.76 0.70
CA VAL A 45 -17.52 5.62 2.10
C VAL A 45 -18.54 6.38 2.95
N PRO A 46 -19.19 5.72 3.91
CA PRO A 46 -20.16 6.44 4.75
C PRO A 46 -19.52 7.58 5.51
N TYR A 47 -20.36 8.47 6.03
CA TYR A 47 -19.90 9.61 6.81
C TYR A 47 -19.03 9.17 7.98
N THR A 48 -19.52 8.23 8.78
CA THR A 48 -18.82 7.85 10.01
C THR A 48 -17.44 7.28 9.70
N TRP A 49 -17.36 6.37 8.72
CA TRP A 49 -16.08 5.75 8.42
C TRP A 49 -15.06 6.77 7.93
N ASN A 50 -15.46 7.67 7.03
CA ASN A 50 -14.55 8.69 6.54
C ASN A 50 -14.06 9.57 7.68
N VAL A 51 -14.99 10.05 8.51
CA VAL A 51 -14.60 10.95 9.60
C VAL A 51 -13.64 10.23 10.55
N GLY A 52 -13.95 8.99 10.92
CA GLY A 52 -13.10 8.28 11.85
C GLY A 52 -11.71 8.02 11.29
N ILE A 53 -11.65 7.57 10.04
CA ILE A 53 -10.36 7.28 9.43
C ILE A 53 -9.52 8.54 9.36
N LEU A 54 -10.11 9.65 8.91
CA LEU A 54 -9.34 10.88 8.79
C LEU A 54 -8.91 11.40 10.16
N SER A 55 -9.75 11.26 11.18
CA SER A 55 -9.37 11.70 12.52
C SER A 55 -8.19 10.90 13.05
N LEU A 56 -8.22 9.57 12.89
CA LEU A 56 -7.11 8.75 13.35
C LEU A 56 -5.83 9.09 12.58
N ILE A 57 -5.94 9.27 11.27
CA ILE A 57 -4.78 9.65 10.47
C ILE A 57 -4.22 10.98 10.95
N PHE A 58 -5.10 11.95 11.24
CA PHE A 58 -4.64 13.24 11.75
C PHE A 58 -3.89 13.08 13.06
N LEU A 59 -4.44 12.30 13.98
CA LEU A 59 -3.77 12.11 15.27
C LEU A 59 -2.37 11.56 15.08
N ILE A 60 -2.24 10.46 14.31
CA ILE A 60 -0.93 9.82 14.17
C ILE A 60 0.05 10.73 13.42
N ASN A 61 -0.40 11.34 12.33
CA ASN A 61 0.39 12.34 11.61
C ASN A 61 0.98 13.37 12.58
N VAL A 62 0.10 14.06 13.31
CA VAL A 62 0.57 15.15 14.15
C VAL A 62 1.57 14.61 15.16
N LEU A 63 1.22 13.55 15.89
CA LEU A 63 2.13 13.07 16.93
C LEU A 63 3.47 12.68 16.35
N GLY A 64 3.48 11.80 15.33
CA GLY A 64 4.71 11.28 14.80
C GLY A 64 5.61 12.35 14.21
N ASN A 65 5.06 13.18 13.31
CA ASN A 65 5.90 14.17 12.67
C ASN A 65 6.31 15.30 13.60
N GLY A 66 5.46 15.69 14.56
CA GLY A 66 5.90 16.65 15.56
C GLY A 66 7.06 16.13 16.37
N LEU A 67 6.99 14.86 16.82
CA LEU A 67 8.09 14.31 17.60
C LEU A 67 9.36 14.21 16.76
N VAL A 68 9.23 13.77 15.50
CA VAL A 68 10.41 13.65 14.64
C VAL A 68 11.07 15.01 14.44
N THR A 69 10.25 16.03 14.15
CA THR A 69 10.80 17.37 13.96
C THR A 69 11.43 17.90 15.25
N TYR A 70 10.84 17.57 16.40
CA TYR A 70 11.43 18.00 17.67
C TYR A 70 12.82 17.41 17.86
N ILE A 71 12.95 16.10 17.65
CA ILE A 71 14.25 15.45 17.79
C ILE A 71 15.24 16.03 16.79
N PHE A 72 14.80 16.24 15.56
CA PHE A 72 15.69 16.79 14.53
C PHE A 72 16.15 18.19 14.89
N CYS A 73 15.25 19.04 15.40
CA CYS A 73 15.64 20.38 15.79
C CYS A 73 16.58 20.37 16.98
N LYS A 74 16.44 19.38 17.87
CA LYS A 74 17.38 19.28 18.98
C LYS A 74 18.75 18.75 18.56
N HIS A 75 18.84 18.00 17.46
CA HIS A 75 20.13 17.51 16.97
C HIS A 75 20.50 18.08 15.60
N ARG A 76 19.99 19.27 15.29
CA ARG A 76 20.19 19.88 13.97
C ARG A 76 21.66 20.06 13.62
N SER A 77 22.47 20.55 14.57
CA SER A 77 23.78 21.09 14.22
C SER A 77 24.62 20.11 13.41
N ARG A 78 24.50 18.82 13.67
CA ARG A 78 25.33 17.81 13.04
C ARG A 78 24.60 17.00 11.96
N ALA A 79 23.72 17.65 11.20
CA ALA A 79 22.94 16.95 10.19
C ALA A 79 23.53 17.18 8.79
N GLY A 80 23.03 16.38 7.84
CA GLY A 80 23.42 16.49 6.45
C GLY A 80 22.25 16.84 5.55
N ALA A 81 22.54 16.89 4.25
CA ALA A 81 21.52 17.31 3.28
C ALA A 81 20.34 16.36 3.27
N ILE A 82 20.59 15.05 3.23
CA ILE A 82 19.50 14.09 3.20
C ILE A 82 18.74 14.13 4.51
N ASP A 83 19.40 14.46 5.61
CA ASP A 83 18.69 14.63 6.88
C ASP A 83 17.69 15.79 6.78
N ILE A 84 18.10 16.89 6.17
CA ILE A 84 17.19 18.02 5.98
C ILE A 84 16.01 17.61 5.10
N LEU A 85 16.29 16.86 4.03
CA LEU A 85 15.20 16.43 3.16
C LEU A 85 14.23 15.49 3.89
N LEU A 86 14.75 14.58 4.69
CA LEU A 86 13.89 13.68 5.44
C LEU A 86 13.07 14.43 6.48
N LEU A 87 13.62 15.51 7.05
CA LEU A 87 12.81 16.39 7.91
C LEU A 87 11.75 17.12 7.08
N GLY A 88 12.10 17.50 5.86
CA GLY A 88 11.13 18.15 5.00
C GLY A 88 9.93 17.27 4.73
N ILE A 89 10.16 15.95 4.65
CA ILE A 89 9.02 15.04 4.50
C ILE A 89 8.10 15.13 5.71
N CYS A 90 8.66 15.22 6.93
CA CYS A 90 7.82 15.37 8.11
C CYS A 90 7.04 16.69 8.07
N LEU A 91 7.69 17.76 7.62
CA LEU A 91 6.97 19.03 7.49
C LEU A 91 5.83 18.92 6.48
N ASN A 92 6.08 18.24 5.36
CA ASN A 92 5.03 18.01 4.38
C ASN A 92 3.86 17.28 5.01
N SER A 93 4.15 16.22 5.78
CA SER A 93 3.08 15.50 6.46
C SER A 93 2.32 16.39 7.42
N LEU A 94 3.01 17.27 8.15
CA LEU A 94 2.34 18.21 9.02
C LEU A 94 1.45 19.19 8.27
N CYS A 95 1.76 19.50 7.02
CA CYS A 95 0.87 20.36 6.24
C CYS A 95 -0.53 19.77 6.16
N LEU A 96 -0.62 18.45 5.98
CA LEU A 96 -1.93 17.80 5.83
C LEU A 96 -2.73 17.84 7.11
N SER A 97 -2.08 18.03 8.25
CA SER A 97 -2.79 18.01 9.53
C SER A 97 -3.85 19.12 9.58
N ILE A 98 -3.47 20.32 9.16
CA ILE A 98 -4.42 21.44 9.19
C ILE A 98 -5.58 21.18 8.24
N SER A 99 -5.29 20.66 7.05
CA SER A 99 -6.34 20.37 6.08
C SER A 99 -7.33 19.36 6.65
N LEU A 100 -6.83 18.27 7.23
CA LEU A 100 -7.72 17.26 7.77
C LEU A 100 -8.49 17.77 8.99
N LEU A 101 -7.85 18.60 9.82
CA LEU A 101 -8.56 19.20 10.95
C LEU A 101 -9.72 20.05 10.46
N ALA A 102 -9.47 20.89 9.44
CA ALA A 102 -10.53 21.72 8.89
C ALA A 102 -11.65 20.87 8.32
N GLU A 103 -11.30 19.83 7.56
CA GLU A 103 -12.32 18.99 6.95
C GLU A 103 -13.16 18.29 8.01
N VAL A 104 -12.52 17.79 9.06
CA VAL A 104 -13.26 17.09 10.11
C VAL A 104 -14.16 18.07 10.87
N LEU A 105 -13.68 19.29 11.11
CA LEU A 105 -14.51 20.25 11.81
C LEU A 105 -15.69 20.70 10.96
N MET A 106 -15.51 20.76 9.64
CA MET A 106 -16.63 21.07 8.76
C MET A 106 -17.63 19.93 8.71
N PHE A 107 -17.16 18.68 8.72
CA PHE A 107 -18.09 17.56 8.82
C PHE A 107 -18.88 17.62 10.12
N LEU A 108 -18.20 17.80 11.25
CA LEU A 108 -18.89 17.81 12.54
C LEU A 108 -19.84 18.99 12.67
N PHE A 109 -19.43 20.16 12.17
CA PHE A 109 -20.16 21.41 12.36
C PHE A 109 -20.40 22.05 11.00
N PRO A 110 -21.49 21.69 10.32
CA PRO A 110 -21.82 22.35 9.05
C PRO A 110 -22.07 23.84 9.22
N ASN A 111 -22.39 24.26 10.45
CA ASN A 111 -22.69 25.66 10.70
C ASN A 111 -21.50 26.56 10.40
N ILE A 112 -20.28 26.11 10.72
CA ILE A 112 -19.09 26.94 10.52
C ILE A 112 -18.53 26.85 9.11
N ILE A 113 -19.17 26.10 8.21
CA ILE A 113 -18.71 26.04 6.83
C ILE A 113 -18.79 27.44 6.25
N SER A 114 -17.65 27.93 5.74
CA SER A 114 -17.57 29.27 5.18
C SER A 114 -16.50 29.27 4.11
N THR A 115 -16.41 30.41 3.39
CA THR A 115 -15.43 30.51 2.32
C THR A 115 -14.00 30.40 2.84
N GLY A 116 -13.73 30.99 4.01
CA GLY A 116 -12.37 30.96 4.53
C GLY A 116 -11.88 29.55 4.79
N LEU A 117 -12.70 28.73 5.45
CA LEU A 117 -12.32 27.35 5.70
C LEU A 117 -12.21 26.56 4.40
N CYS A 118 -13.11 26.81 3.45
CA CYS A 118 -13.03 26.12 2.16
C CYS A 118 -11.71 26.43 1.46
N ARG A 119 -11.26 27.68 1.54
CA ARG A 119 -9.96 28.04 0.96
C ARG A 119 -8.82 27.37 1.72
N LEU A 120 -8.84 27.45 3.05
CA LEU A 120 -7.71 26.99 3.84
C LEU A 120 -7.53 25.47 3.72
N GLU A 121 -8.63 24.71 3.80
CA GLU A 121 -8.53 23.26 3.72
C GLU A 121 -7.93 22.82 2.40
N ILE A 122 -8.45 23.34 1.30
CA ILE A 122 -7.97 22.93 -0.01
C ILE A 122 -6.54 23.41 -0.23
N PHE A 123 -6.19 24.59 0.29
CA PHE A 123 -4.82 25.08 0.19
C PHE A 123 -3.84 24.11 0.85
N PHE A 124 -4.11 23.74 2.10
CA PHE A 124 -3.18 22.83 2.78
C PHE A 124 -3.18 21.45 2.14
N TYR A 125 -4.32 21.00 1.62
CA TYR A 125 -4.37 19.71 0.94
C TYR A 125 -3.44 19.68 -0.26
N TYR A 126 -3.58 20.67 -1.17
CA TYR A 126 -2.69 20.71 -2.33
C TYR A 126 -1.25 20.95 -1.92
N LEU A 127 -1.02 21.71 -0.85
CA LEU A 127 0.33 21.92 -0.37
C LEU A 127 0.98 20.58 -0.02
N TYR A 128 0.31 19.77 0.79
CA TYR A 128 0.80 18.43 1.11
C TYR A 128 1.04 17.61 -0.15
N VAL A 129 0.05 17.59 -1.05
CA VAL A 129 0.12 16.71 -2.21
C VAL A 129 1.33 17.05 -3.08
N TYR A 130 1.57 18.34 -3.31
CA TYR A 130 2.73 18.73 -4.11
C TYR A 130 4.03 18.49 -3.35
N LEU A 131 4.05 18.80 -2.05
CA LEU A 131 5.29 18.77 -1.29
C LEU A 131 5.83 17.36 -1.18
N ASP A 132 4.96 16.36 -1.02
CA ASP A 132 5.46 14.99 -0.88
C ASP A 132 6.26 14.56 -2.11
N ILE A 133 5.68 14.72 -3.29
CA ILE A 133 6.35 14.30 -4.52
C ILE A 133 7.60 15.15 -4.76
N PHE A 134 7.52 16.46 -4.46
CA PHE A 134 8.70 17.29 -4.62
C PHE A 134 9.83 16.84 -3.70
N SER A 135 9.52 16.48 -2.46
CA SER A 135 10.56 16.03 -1.54
C SER A 135 11.19 14.73 -2.00
N VAL A 136 10.38 13.81 -2.55
CA VAL A 136 10.98 12.59 -3.09
C VAL A 136 11.93 12.92 -4.24
N VAL A 137 11.53 13.84 -5.11
CA VAL A 137 12.41 14.24 -6.21
C VAL A 137 13.71 14.85 -5.68
N CYS A 138 13.61 15.67 -4.63
CA CYS A 138 14.82 16.26 -4.06
C CYS A 138 15.73 15.19 -3.45
N VAL A 139 15.14 14.18 -2.81
CA VAL A 139 15.93 13.09 -2.27
C VAL A 139 16.70 12.39 -3.39
N SER A 140 16.02 12.11 -4.51
CA SER A 140 16.71 11.48 -5.62
C SER A 140 17.82 12.38 -6.17
N LEU A 141 17.57 13.69 -6.27
CA LEU A 141 18.57 14.61 -6.77
C LEU A 141 19.81 14.60 -5.90
N VAL A 142 19.64 14.68 -4.58
CA VAL A 142 20.80 14.72 -3.70
C VAL A 142 21.65 13.45 -3.65
N ARG A 143 21.03 12.27 -3.71
CA ARG A 143 21.84 11.05 -3.87
C ARG A 143 22.57 10.95 -5.22
N TYR A 144 21.98 11.56 -6.25
CA TYR A 144 22.65 11.64 -7.54
C TYR A 144 23.90 12.49 -7.28
N LEU A 145 23.72 13.64 -6.62
CA LEU A 145 24.84 14.55 -6.43
C LEU A 145 25.90 13.97 -5.51
N LEU A 146 25.50 13.11 -4.56
CA LEU A 146 26.49 12.54 -3.65
C LEU A 146 27.50 11.66 -4.39
N VAL A 147 27.13 11.11 -5.55
CA VAL A 147 28.04 10.29 -6.33
C VAL A 147 28.65 11.06 -7.48
N ALA A 148 27.89 11.99 -8.08
CA ALA A 148 28.44 12.76 -9.19
C ALA A 148 29.58 13.67 -8.74
N TYR A 149 29.57 14.10 -7.49
CA TYR A 149 30.59 14.99 -6.93
C TYR A 149 31.14 14.42 -5.63
N SER A 150 31.52 13.14 -5.66
CA SER A 150 32.03 12.50 -4.44
C SER A 150 33.32 13.16 -3.96
N THR A 151 34.15 13.64 -4.87
CA THR A 151 35.41 14.28 -4.52
C THR A 151 35.23 15.66 -3.89
N ARG A 152 34.01 16.20 -3.90
CA ARG A 152 33.72 17.50 -3.32
C ARG A 152 33.02 17.32 -1.99
N SER A 153 33.03 18.39 -1.18
CA SER A 153 32.41 18.35 0.13
C SER A 153 31.05 19.04 0.15
N TRP A 154 30.77 19.88 -0.83
CA TRP A 154 29.55 20.67 -0.86
C TRP A 154 28.28 19.84 -1.05
N PRO A 155 28.32 18.67 -1.69
CA PRO A 155 27.10 17.85 -1.78
C PRO A 155 26.61 17.33 -0.43
N LYS A 156 27.45 17.30 0.59
CA LYS A 156 27.11 16.67 1.86
C LYS A 156 26.74 17.66 2.96
N LYS A 157 26.58 18.94 2.64
CA LYS A 157 26.32 19.94 3.66
C LYS A 157 24.82 20.23 3.78
N GLN A 158 24.45 20.81 4.91
CA GLN A 158 23.05 21.19 5.14
C GLN A 158 22.57 22.22 4.12
N SER A 159 23.51 22.97 3.53
CA SER A 159 23.13 24.05 2.62
C SER A 159 22.35 23.52 1.43
N LEU A 160 22.79 22.40 0.86
CA LEU A 160 22.08 21.82 -0.27
C LEU A 160 20.66 21.40 0.13
N GLY A 161 20.52 20.76 1.29
CA GLY A 161 19.20 20.38 1.76
C GLY A 161 18.27 21.56 1.94
N TRP A 162 18.77 22.64 2.56
CA TRP A 162 17.94 23.83 2.75
C TRP A 162 17.57 24.47 1.42
N VAL A 163 18.52 24.58 0.49
CA VAL A 163 18.21 25.17 -0.81
C VAL A 163 17.14 24.36 -1.52
N LEU A 164 17.27 23.03 -1.52
CA LEU A 164 16.29 22.19 -2.20
C LEU A 164 14.92 22.29 -1.53
N THR A 165 14.90 22.30 -0.19
CA THR A 165 13.62 22.40 0.52
C THR A 165 12.92 23.72 0.21
N SER A 166 13.68 24.82 0.21
CA SER A 166 13.08 26.11 -0.11
C SER A 166 12.57 26.16 -1.55
N ALA A 167 13.36 25.61 -2.49
CA ALA A 167 12.93 25.60 -3.88
C ALA A 167 11.64 24.81 -4.04
N ALA A 168 11.51 23.68 -3.34
CA ALA A 168 10.27 22.90 -3.42
C ALA A 168 9.10 23.64 -2.76
N TRP A 169 9.34 24.24 -1.60
CA TRP A 169 8.27 24.90 -0.86
C TRP A 169 7.70 26.08 -1.65
N LEU A 170 8.56 26.87 -2.28
CA LEU A 170 8.07 28.00 -3.05
C LEU A 170 7.13 27.55 -4.17
N ILE A 171 7.55 26.54 -4.93
CA ILE A 171 6.74 26.04 -6.04
C ILE A 171 5.42 25.49 -5.52
N ALA A 172 5.47 24.71 -4.44
CA ALA A 172 4.24 24.14 -3.88
C ALA A 172 3.30 25.23 -3.42
N LEU A 173 3.83 26.27 -2.77
CA LEU A 173 2.98 27.37 -2.32
C LEU A 173 2.32 28.07 -3.50
N VAL A 174 3.08 28.35 -4.55
CA VAL A 174 2.50 29.00 -5.72
C VAL A 174 1.36 28.14 -6.30
N LEU A 175 1.64 26.86 -6.49
CA LEU A 175 0.65 25.98 -7.12
C LEU A 175 -0.61 25.86 -6.26
N SER A 176 -0.44 25.74 -4.94
CA SER A 176 -1.60 25.58 -4.06
C SER A 176 -2.41 26.87 -3.96
N GLY A 177 -1.73 28.00 -3.84
CA GLY A 177 -2.44 29.27 -3.79
C GLY A 177 -3.18 29.57 -5.06
N ASP A 178 -2.64 29.16 -6.20
CA ASP A 178 -3.35 29.34 -7.47
C ASP A 178 -4.67 28.59 -7.45
N ALA A 179 -4.67 27.37 -6.92
CA ALA A 179 -5.86 26.54 -6.97
C ALA A 179 -6.89 26.98 -5.94
N CYS A 180 -6.45 27.41 -4.76
CA CYS A 180 -7.41 27.63 -3.66
C CYS A 180 -8.13 28.96 -3.75
N ARG A 181 -8.12 29.63 -4.90
CA ARG A 181 -8.62 31.01 -4.96
C ARG A 181 -10.14 31.08 -4.95
N HIS A 182 -10.83 30.20 -5.68
CA HIS A 182 -12.26 30.33 -5.91
C HIS A 182 -13.14 29.47 -5.01
N ARG A 183 -12.58 28.46 -4.35
CA ARG A 183 -13.42 27.56 -3.57
C ARG A 183 -14.12 28.32 -2.46
N SER A 184 -15.46 28.29 -2.47
CA SER A 184 -16.24 29.12 -1.57
C SER A 184 -17.47 28.36 -1.10
N ARG A 185 -18.30 29.04 -0.31
CA ARG A 185 -19.50 28.44 0.28
C ARG A 185 -20.66 28.59 -0.71
N VAL A 186 -21.29 27.47 -1.06
CA VAL A 186 -22.42 27.44 -1.98
C VAL A 186 -23.52 26.59 -1.36
N VAL A 187 -24.76 26.91 -1.71
CA VAL A 187 -25.94 26.18 -1.24
C VAL A 187 -26.65 25.57 -2.43
N ASP A 188 -26.84 24.26 -2.40
CA ASP A 188 -27.55 23.57 -3.47
C ASP A 188 -29.05 23.81 -3.34
N PRO A 189 -29.74 24.22 -4.41
CA PRO A 189 -31.21 24.33 -4.30
C PRO A 189 -31.90 23.02 -3.97
N VAL A 190 -31.36 21.89 -4.42
CA VAL A 190 -32.07 20.61 -4.27
C VAL A 190 -32.01 20.04 -2.86
N SER A 191 -31.03 20.44 -2.05
CA SER A 191 -30.92 19.94 -0.69
C SER A 191 -30.88 21.03 0.37
N LYS A 192 -30.70 22.29 0.00
CA LYS A 192 -30.71 23.42 0.93
C LYS A 192 -29.72 23.22 2.08
N GLN A 193 -28.51 22.79 1.73
CA GLN A 193 -27.42 22.67 2.70
C GLN A 193 -26.14 23.24 2.09
N ALA A 194 -25.33 23.90 2.92
CA ALA A 194 -24.12 24.53 2.44
C ALA A 194 -22.99 23.52 2.30
N MET A 195 -22.07 23.80 1.38
CA MET A 195 -20.91 22.96 1.16
C MET A 195 -19.84 23.75 0.41
N CYS A 196 -18.60 23.30 0.51
CA CYS A 196 -17.51 23.90 -0.24
C CYS A 196 -17.59 23.46 -1.70
N TYR A 197 -17.51 24.42 -2.61
CA TYR A 197 -17.72 24.15 -4.03
C TYR A 197 -16.79 25.05 -4.83
N GLU A 198 -16.63 24.70 -6.11
CA GLU A 198 -15.71 25.43 -7.00
C GLU A 198 -16.35 26.65 -7.64
N ASN A 199 -17.39 27.24 -7.03
CA ASN A 199 -18.09 28.37 -7.63
C ASN A 199 -17.13 29.45 -8.11
N ALA A 200 -17.18 29.75 -9.41
CA ALA A 200 -16.35 30.80 -10.00
C ALA A 200 -17.14 31.64 -11.00
N GLY A 201 -18.47 31.65 -10.90
CA GLY A 201 -19.27 32.40 -11.83
C GLY A 201 -19.78 31.53 -12.96
N ASN A 202 -19.87 32.13 -14.15
CA ASN A 202 -20.29 31.38 -15.34
C ASN A 202 -19.19 30.44 -15.83
N MET A 203 -17.98 30.55 -15.29
CA MET A 203 -16.84 29.74 -15.70
C MET A 203 -16.50 28.66 -14.68
N THR A 204 -17.49 28.18 -13.92
CA THR A 204 -17.20 27.19 -12.88
C THR A 204 -16.61 25.91 -13.46
N ALA A 205 -17.17 25.43 -14.57
CA ALA A 205 -16.67 24.20 -15.17
C ALA A 205 -15.25 24.35 -15.68
N ASP A 206 -14.93 25.49 -16.28
CA ASP A 206 -13.58 25.71 -16.79
C ASP A 206 -12.56 25.71 -15.65
N TRP A 207 -12.88 26.38 -14.54
CA TRP A 207 -11.99 26.35 -13.38
C TRP A 207 -11.89 24.95 -12.81
N ARG A 208 -13.01 24.24 -12.73
CA ARG A 208 -13.01 22.86 -12.24
C ARG A 208 -12.03 22.01 -13.03
N LEU A 209 -12.09 22.11 -14.37
CA LEU A 209 -11.16 21.34 -15.20
C LEU A 209 -9.73 21.83 -15.08
N HIS A 210 -9.54 23.16 -14.99
CA HIS A 210 -8.19 23.72 -14.94
C HIS A 210 -7.44 23.26 -13.69
N VAL A 211 -8.12 23.25 -12.54
CA VAL A 211 -7.46 22.86 -11.31
C VAL A 211 -6.98 21.41 -11.38
N ARG A 212 -7.83 20.51 -11.89
CA ARG A 212 -7.44 19.11 -12.01
C ARG A 212 -6.31 18.92 -13.01
N THR A 213 -6.37 19.63 -14.13
CA THR A 213 -5.29 19.52 -15.11
C THR A 213 -3.97 20.00 -14.53
N VAL A 214 -3.98 21.13 -13.82
CA VAL A 214 -2.76 21.62 -13.18
C VAL A 214 -2.26 20.59 -12.18
N SER A 215 -3.14 20.08 -11.33
CA SER A 215 -2.73 19.08 -10.36
C SER A 215 -2.03 17.92 -11.05
N VAL A 216 -2.69 17.32 -12.04
CA VAL A 216 -2.09 16.17 -12.71
C VAL A 216 -0.72 16.53 -13.26
N THR A 217 -0.68 17.49 -14.18
CA THR A 217 0.55 17.76 -14.94
C THR A 217 1.70 18.18 -14.03
N ALA A 218 1.43 19.05 -13.06
CA ALA A 218 2.50 19.63 -12.25
C ALA A 218 2.86 18.77 -11.04
N GLY A 219 1.98 17.91 -10.56
CA GLY A 219 2.20 17.15 -9.35
C GLY A 219 2.35 15.66 -9.51
N PHE A 220 2.17 15.11 -10.71
CA PHE A 220 2.42 13.69 -10.90
C PHE A 220 3.38 13.43 -12.05
N LEU A 221 3.14 14.05 -13.20
CA LEU A 221 3.89 13.68 -14.40
C LEU A 221 5.32 14.19 -14.34
N LEU A 222 5.50 15.51 -14.22
CA LEU A 222 6.85 16.06 -14.24
C LEU A 222 7.68 15.60 -13.05
N PRO A 223 7.18 15.64 -11.81
CA PRO A 223 8.00 15.11 -10.70
C PRO A 223 8.41 13.67 -10.88
N LEU A 224 7.51 12.83 -11.40
CA LEU A 224 7.86 11.43 -11.64
C LEU A 224 8.98 11.31 -12.67
N ALA A 225 8.91 12.11 -13.73
CA ALA A 225 9.96 12.08 -14.75
C ALA A 225 11.30 12.51 -14.16
N LEU A 226 11.29 13.56 -13.34
CA LEU A 226 12.53 14.01 -12.70
C LEU A 226 13.09 12.94 -11.77
N LEU A 227 12.21 12.30 -11.00
CA LEU A 227 12.62 11.22 -10.11
C LEU A 227 13.30 10.10 -10.88
N ILE A 228 12.65 9.63 -11.94
CA ILE A 228 13.23 8.55 -12.75
C ILE A 228 14.55 9.01 -13.36
N LEU A 229 14.61 10.26 -13.82
CA LEU A 229 15.83 10.76 -14.42
C LEU A 229 16.98 10.73 -13.43
N PHE A 230 16.76 11.22 -12.21
CA PHE A 230 17.86 11.25 -11.25
C PHE A 230 18.28 9.86 -10.82
N TYR A 231 17.34 8.93 -10.58
CA TYR A 231 17.76 7.57 -10.23
C TYR A 231 18.49 6.90 -11.38
N ALA A 232 18.03 7.11 -12.62
CA ALA A 232 18.72 6.53 -13.77
C ALA A 232 20.13 7.10 -13.89
N LEU A 233 20.29 8.40 -13.65
CA LEU A 233 21.61 9.00 -13.73
C LEU A 233 22.53 8.47 -12.64
N THR A 234 22.01 8.32 -11.42
CA THR A 234 22.82 7.74 -10.35
C THR A 234 23.28 6.34 -10.73
N TRP A 235 22.36 5.50 -11.22
CA TRP A 235 22.73 4.15 -11.61
C TRP A 235 23.73 4.16 -12.76
N CYS A 236 23.55 5.05 -13.73
CA CYS A 236 24.45 5.11 -14.87
C CYS A 236 25.86 5.49 -14.44
N VAL A 237 25.98 6.50 -13.58
CA VAL A 237 27.31 6.93 -13.15
C VAL A 237 27.98 5.87 -12.28
N VAL A 238 27.19 5.19 -11.43
CA VAL A 238 27.76 4.11 -10.64
C VAL A 238 28.26 2.98 -11.54
N ARG A 239 27.46 2.63 -12.55
CA ARG A 239 27.83 1.56 -13.48
C ARG A 239 29.08 1.93 -14.27
N ARG A 240 29.14 3.17 -14.76
CA ARG A 240 30.25 3.59 -15.61
C ARG A 240 31.56 3.61 -14.86
N THR A 241 31.54 3.96 -13.57
CA THR A 241 32.76 4.01 -12.78
C THR A 241 33.09 2.68 -12.12
N LYS A 242 32.14 1.74 -12.07
CA LYS A 242 32.31 0.49 -11.33
C LYS A 242 32.75 0.80 -9.90
N LEU A 243 31.98 1.66 -9.23
CA LEU A 243 32.37 2.16 -7.92
C LEU A 243 32.51 1.02 -6.93
N GLN A 244 33.45 1.17 -6.01
CA GLN A 244 33.83 0.08 -5.12
C GLN A 244 32.74 -0.19 -4.09
N ALA A 245 33.01 -1.17 -3.23
CA ALA A 245 32.01 -1.69 -2.29
C ALA A 245 31.83 -0.77 -1.09
N ARG A 246 32.54 0.35 -1.05
CA ARG A 246 32.32 1.31 0.03
C ARG A 246 30.89 1.84 0.02
N ARG A 247 30.19 1.71 -1.10
CA ARG A 247 28.76 1.99 -1.17
C ARG A 247 27.99 0.96 -0.36
N LYS A 248 27.34 1.40 0.72
CA LYS A 248 26.52 0.51 1.53
C LYS A 248 25.19 1.20 1.84
N VAL A 249 24.13 0.39 1.91
CA VAL A 249 22.77 0.90 1.87
C VAL A 249 22.45 1.66 3.16
N ARG A 250 21.62 2.69 3.04
CA ARG A 250 21.04 3.39 4.17
C ARG A 250 19.58 2.95 4.29
N GLY A 251 19.21 2.43 5.47
CA GLY A 251 17.92 1.80 5.61
C GLY A 251 16.74 2.74 5.48
N VAL A 252 16.84 3.94 6.05
CA VAL A 252 15.69 4.84 6.12
C VAL A 252 15.32 5.37 4.74
N ILE A 253 16.33 5.71 3.93
CA ILE A 253 16.05 6.40 2.67
C ILE A 253 15.22 5.53 1.73
N VAL A 254 15.57 4.26 1.60
CA VAL A 254 14.89 3.40 0.63
C VAL A 254 13.46 3.10 1.07
N ALA A 255 13.24 2.86 2.37
CA ALA A 255 11.91 2.47 2.84
C ALA A 255 10.89 3.56 2.58
N VAL A 256 11.25 4.82 2.82
CA VAL A 256 10.30 5.91 2.62
C VAL A 256 9.95 6.03 1.14
N VAL A 257 10.95 5.91 0.28
CA VAL A 257 10.71 6.05 -1.16
C VAL A 257 9.84 4.92 -1.67
N VAL A 258 10.01 3.72 -1.12
CA VAL A 258 9.17 2.59 -1.53
C VAL A 258 7.74 2.78 -1.04
N LEU A 259 7.58 3.16 0.23
CA LEU A 259 6.24 3.31 0.77
C LEU A 259 5.51 4.51 0.18
N PHE A 260 6.24 5.49 -0.36
CA PHE A 260 5.58 6.54 -1.14
C PHE A 260 4.89 5.96 -2.36
N PHE A 261 5.62 5.18 -3.17
CA PHE A 261 5.02 4.55 -4.33
C PHE A 261 3.94 3.55 -3.95
N VAL A 262 3.96 3.05 -2.72
CA VAL A 262 2.91 2.15 -2.25
C VAL A 262 1.64 2.93 -1.94
N PHE A 263 1.72 3.90 -1.03
CA PHE A 263 0.53 4.54 -0.48
C PHE A 263 0.03 5.75 -1.27
N CYS A 264 0.88 6.34 -2.11
CA CYS A 264 0.53 7.60 -2.77
C CYS A 264 0.35 7.48 -4.28
N PHE A 265 1.14 6.63 -4.92
CA PHE A 265 1.05 6.49 -6.37
C PHE A 265 -0.34 6.10 -6.86
N PRO A 266 -1.06 5.17 -6.19
CA PRO A 266 -2.41 4.83 -6.67
C PRO A 266 -3.35 6.02 -6.76
N TYR A 267 -3.31 6.92 -5.78
CA TYR A 267 -4.17 8.09 -5.85
C TYR A 267 -3.87 8.93 -7.07
N HIS A 268 -2.59 9.17 -7.36
CA HIS A 268 -2.24 9.99 -8.50
C HIS A 268 -2.65 9.33 -9.82
N VAL A 269 -2.45 8.02 -9.94
CA VAL A 269 -2.82 7.37 -11.20
C VAL A 269 -4.34 7.39 -11.39
N LEU A 270 -5.11 7.18 -10.31
CA LEU A 270 -6.55 7.25 -10.44
C LEU A 270 -7.03 8.67 -10.70
N ASN A 271 -6.36 9.67 -10.14
CA ASN A 271 -6.65 11.05 -10.48
C ASN A 271 -6.40 11.32 -11.95
N LEU A 272 -5.31 10.77 -12.49
CA LEU A 272 -5.04 10.93 -13.92
C LEU A 272 -6.15 10.30 -14.75
N LEU A 273 -6.60 9.10 -14.36
CA LEU A 273 -7.69 8.46 -15.09
C LEU A 273 -8.97 9.29 -15.03
N ASP A 274 -9.27 9.83 -13.84
CA ASP A 274 -10.45 10.69 -13.70
C ASP A 274 -10.36 11.91 -14.59
N THR A 275 -9.22 12.61 -14.57
CA THR A 275 -9.04 13.77 -15.41
C THR A 275 -9.18 13.41 -16.89
N LEU A 276 -8.71 12.21 -17.26
CA LEU A 276 -8.91 11.76 -18.63
C LEU A 276 -10.38 11.56 -18.94
N LEU A 277 -11.15 11.06 -17.98
CA LEU A 277 -12.61 11.01 -18.16
C LEU A 277 -13.17 12.40 -18.43
N ARG A 278 -12.81 13.38 -17.60
CA ARG A 278 -13.46 14.69 -17.72
C ARG A 278 -12.93 15.49 -18.90
N ARG A 279 -11.88 15.03 -19.56
CA ARG A 279 -11.43 15.64 -20.81
C ARG A 279 -11.89 14.89 -22.05
N ARG A 280 -12.68 13.83 -21.89
CA ARG A 280 -13.18 13.03 -23.02
C ARG A 280 -12.05 12.51 -23.89
N TRP A 281 -10.91 12.18 -23.29
CA TRP A 281 -9.86 11.47 -24.04
C TRP A 281 -10.03 9.97 -23.98
N ILE A 282 -10.88 9.46 -23.10
CA ILE A 282 -11.29 8.06 -23.10
C ILE A 282 -12.80 8.01 -22.94
N ARG A 283 -13.38 6.87 -23.33
CA ARG A 283 -14.82 6.83 -23.61
C ARG A 283 -15.63 6.94 -22.33
N ASP A 284 -16.81 7.54 -22.47
CA ASP A 284 -17.71 7.73 -21.34
C ASP A 284 -18.51 6.46 -21.08
N SER A 285 -18.88 6.25 -19.82
CA SER A 285 -19.72 5.12 -19.43
C SER A 285 -20.14 5.29 -17.98
N CYS A 286 -21.38 4.91 -17.67
CA CYS A 286 -21.82 4.95 -16.28
C CYS A 286 -21.05 3.95 -15.43
N TYR A 287 -20.80 2.76 -15.95
CA TYR A 287 -20.05 1.76 -15.19
C TYR A 287 -18.63 2.23 -14.91
N THR A 288 -17.96 2.80 -15.91
CA THR A 288 -16.61 3.32 -15.69
C THR A 288 -16.63 4.47 -14.70
N ARG A 289 -17.62 5.35 -14.79
CA ARG A 289 -17.70 6.48 -13.88
C ARG A 289 -17.88 6.01 -12.44
N GLY A 290 -18.77 5.03 -12.21
CA GLY A 290 -18.92 4.49 -10.87
C GLY A 290 -17.70 3.74 -10.39
N LEU A 291 -17.02 3.03 -11.29
CA LEU A 291 -15.81 2.32 -10.92
C LEU A 291 -14.73 3.28 -10.44
N ILE A 292 -14.53 4.37 -11.19
CA ILE A 292 -13.52 5.36 -10.80
C ILE A 292 -13.98 6.13 -9.57
N ASN A 293 -15.30 6.31 -9.39
CA ASN A 293 -15.79 6.95 -8.18
C ASN A 293 -15.44 6.12 -6.95
N VAL A 294 -15.61 4.80 -7.03
CA VAL A 294 -15.21 3.94 -5.92
C VAL A 294 -13.69 4.00 -5.74
N GLY A 295 -12.95 3.88 -6.83
CA GLY A 295 -11.51 3.88 -6.75
C GLY A 295 -10.95 5.12 -6.10
N LEU A 296 -11.45 6.29 -6.51
CA LEU A 296 -10.98 7.55 -5.92
C LEU A 296 -11.23 7.57 -4.41
N ALA A 297 -12.40 7.08 -3.99
CA ALA A 297 -12.69 7.02 -2.56
C ALA A 297 -11.69 6.15 -1.83
N VAL A 298 -11.36 4.99 -2.40
CA VAL A 298 -10.44 4.07 -1.72
C VAL A 298 -9.03 4.64 -1.66
N THR A 299 -8.53 5.16 -2.79
CA THR A 299 -7.13 5.54 -2.87
C THR A 299 -6.85 6.86 -2.15
N SER A 300 -7.85 7.73 -2.03
CA SER A 300 -7.65 8.98 -1.33
C SER A 300 -7.32 8.76 0.14
N LEU A 301 -7.85 7.67 0.73
CA LEU A 301 -7.52 7.34 2.11
C LEU A 301 -6.11 6.77 2.21
N LEU A 302 -5.64 6.07 1.18
CA LEU A 302 -4.27 5.57 1.19
C LEU A 302 -3.27 6.72 1.20
N GLN A 303 -3.49 7.72 0.37
CA GLN A 303 -2.55 8.83 0.28
C GLN A 303 -2.47 9.60 1.60
N ALA A 304 -3.61 9.75 2.28
CA ALA A 304 -3.61 10.40 3.59
C ALA A 304 -2.92 9.54 4.63
N LEU A 305 -2.94 8.21 4.44
CA LEU A 305 -2.31 7.33 5.41
C LEU A 305 -0.80 7.33 5.29
N TYR A 306 -0.27 7.78 4.15
CA TYR A 306 1.19 7.90 4.02
C TYR A 306 1.74 8.90 5.02
N SER A 307 0.96 9.92 5.38
CA SER A 307 1.42 10.87 6.39
C SER A 307 1.66 10.17 7.72
N ALA A 308 0.77 9.27 8.12
CA ALA A 308 0.96 8.48 9.32
C ALA A 308 2.07 7.44 9.17
N VAL A 309 2.24 6.90 7.96
CA VAL A 309 3.27 5.88 7.73
C VAL A 309 4.66 6.51 7.84
N VAL A 310 4.83 7.74 7.37
CA VAL A 310 6.17 8.33 7.28
C VAL A 310 6.88 8.38 8.63
N PRO A 311 6.30 8.95 9.69
CA PRO A 311 7.04 9.01 10.97
C PRO A 311 7.37 7.65 11.54
N LEU A 312 6.53 6.63 11.33
CA LEU A 312 6.81 5.30 11.89
C LEU A 312 7.99 4.63 11.21
N ILE A 313 8.28 5.01 9.96
CA ILE A 313 9.47 4.49 9.29
C ILE A 313 10.73 4.95 10.02
N TYR A 314 10.75 6.22 10.43
CA TYR A 314 11.91 6.75 11.13
C TYR A 314 12.03 6.16 12.53
N SER A 315 10.90 5.90 13.19
CA SER A 315 10.92 5.39 14.56
C SER A 315 11.39 3.95 14.67
N CYS A 316 11.56 3.24 13.55
CA CYS A 316 12.01 1.86 13.60
C CYS A 316 13.28 1.61 12.80
N LEU A 317 13.41 2.23 11.63
CA LEU A 317 14.59 2.03 10.79
C LEU A 317 15.70 3.02 11.06
N GLY A 318 15.44 4.06 11.84
CA GLY A 318 16.46 5.03 12.21
C GLY A 318 16.94 4.79 13.61
N SER A 319 18.25 4.67 13.78
CA SER A 319 18.81 4.37 15.09
C SER A 319 18.63 5.54 16.06
N LEU A 320 18.84 6.77 15.58
CA LEU A 320 18.74 7.93 16.47
C LEU A 320 17.29 8.19 16.88
N PHE A 321 16.37 8.19 15.92
CA PHE A 321 14.97 8.41 16.25
C PHE A 321 14.44 7.28 17.13
N ARG A 322 14.79 6.04 16.82
CA ARG A 322 14.31 4.92 17.62
C ARG A 322 14.73 5.07 19.08
N GLN A 323 16.02 5.35 19.31
CA GLN A 323 16.52 5.49 20.67
C GLN A 323 15.81 6.62 21.42
N ARG A 324 15.76 7.80 20.80
CA ARG A 324 15.21 8.98 21.49
C ARG A 324 13.73 8.80 21.78
N MET A 325 12.96 8.34 20.79
CA MET A 325 11.53 8.16 21.00
C MET A 325 11.24 7.02 21.97
N TYR A 326 12.06 5.97 21.97
CA TYR A 326 11.91 4.93 22.97
C TYR A 326 12.13 5.49 24.36
N GLY A 327 13.18 6.28 24.54
CA GLY A 327 13.42 6.91 25.83
C GLY A 327 12.29 7.83 26.25
N LEU A 328 11.77 8.62 25.32
CA LEU A 328 10.66 9.52 25.63
C LEU A 328 9.42 8.72 26.05
N PHE A 329 9.12 7.63 25.33
CA PHE A 329 7.93 6.85 25.64
C PHE A 329 8.10 6.02 26.90
N GLN A 330 9.33 5.77 27.34
CA GLN A 330 9.54 5.09 28.61
C GLN A 330 9.41 6.02 29.81
N SER A 331 9.26 7.32 29.58
CA SER A 331 9.09 8.27 30.68
C SER A 331 7.79 8.01 31.44
N VAL B 38 31.14 -12.00 2.62
CA VAL B 38 32.36 -11.21 2.31
C VAL B 38 32.10 -9.72 2.54
N CYS B 39 30.93 -9.26 2.12
CA CYS B 39 30.58 -7.86 2.31
C CYS B 39 29.97 -7.64 3.70
N GLU B 40 29.98 -6.38 4.14
CA GLU B 40 29.40 -6.03 5.42
C GLU B 40 27.93 -6.43 5.46
N MET B 41 27.53 -7.10 6.54
CA MET B 41 26.15 -7.55 6.68
C MET B 41 25.31 -6.49 7.39
N THR B 42 24.01 -6.48 7.08
CA THR B 42 23.10 -5.49 7.64
C THR B 42 21.81 -6.18 8.08
N THR B 43 21.29 -5.74 9.22
CA THR B 43 19.96 -6.15 9.69
C THR B 43 18.98 -5.04 9.36
N VAL B 44 17.79 -5.43 8.91
CA VAL B 44 16.88 -4.48 8.27
C VAL B 44 15.65 -4.15 9.10
N VAL B 45 15.23 -5.02 10.03
CA VAL B 45 14.09 -4.71 10.89
C VAL B 45 14.38 -5.23 12.30
N PRO B 46 14.27 -4.39 13.34
CA PRO B 46 14.55 -4.88 14.69
C PRO B 46 13.53 -5.94 15.12
N TYR B 47 14.00 -6.80 16.02
CA TYR B 47 13.19 -7.95 16.46
C TYR B 47 11.84 -7.50 17.02
N THR B 48 11.86 -6.57 17.97
CA THR B 48 10.63 -6.19 18.66
C THR B 48 9.59 -5.59 17.73
N TRP B 49 10.00 -4.72 16.81
CA TRP B 49 9.04 -4.14 15.87
C TRP B 49 8.42 -5.18 14.94
N ASN B 50 9.22 -6.12 14.43
CA ASN B 50 8.67 -7.18 13.60
C ASN B 50 7.66 -8.00 14.39
N VAL B 51 8.02 -8.40 15.61
CA VAL B 51 7.12 -9.20 16.43
C VAL B 51 5.83 -8.43 16.69
N GLY B 52 5.93 -7.15 17.05
CA GLY B 52 4.73 -6.38 17.34
C GLY B 52 3.84 -6.21 16.14
N ILE B 53 4.42 -5.89 14.98
CA ILE B 53 3.61 -5.70 13.79
C ILE B 53 2.88 -6.99 13.43
N LEU B 54 3.60 -8.12 13.43
CA LEU B 54 2.96 -9.38 13.06
C LEU B 54 1.89 -9.77 14.07
N SER B 55 2.15 -9.56 15.37
CA SER B 55 1.14 -9.90 16.36
C SER B 55 -0.12 -9.06 16.22
N LEU B 56 0.03 -7.75 15.98
CA LEU B 56 -1.13 -6.89 15.77
C LEU B 56 -1.92 -7.30 14.53
N ILE B 57 -1.22 -7.59 13.44
CA ILE B 57 -1.87 -8.06 12.24
C ILE B 57 -2.64 -9.35 12.53
N PHE B 58 -2.05 -10.24 13.32
CA PHE B 58 -2.72 -11.50 13.64
C PHE B 58 -4.05 -11.26 14.36
N LEU B 59 -4.04 -10.39 15.38
CA LEU B 59 -5.27 -10.13 16.12
C LEU B 59 -6.34 -9.55 15.21
N ILE B 60 -6.00 -8.51 14.45
CA ILE B 60 -7.02 -7.90 13.62
C ILE B 60 -7.52 -8.89 12.58
N ASN B 61 -6.61 -9.67 11.98
CA ASN B 61 -6.97 -10.64 10.96
C ASN B 61 -7.95 -11.68 11.52
N VAL B 62 -7.60 -12.32 12.63
CA VAL B 62 -8.47 -13.35 13.18
C VAL B 62 -9.82 -12.76 13.51
N LEU B 63 -9.86 -11.63 14.22
CA LEU B 63 -11.15 -11.09 14.63
C LEU B 63 -12.01 -10.75 13.41
N GLY B 64 -11.46 -9.99 12.46
CA GLY B 64 -12.26 -9.55 11.33
C GLY B 64 -12.75 -10.70 10.47
N ASN B 65 -11.86 -11.63 10.12
CA ASN B 65 -12.27 -12.72 9.24
C ASN B 65 -13.19 -13.70 9.94
N GLY B 66 -13.01 -13.94 11.24
CA GLY B 66 -13.97 -14.75 11.95
C GLY B 66 -15.36 -14.14 11.96
N LEU B 67 -15.43 -12.82 12.21
CA LEU B 67 -16.73 -12.16 12.18
C LEU B 67 -17.37 -12.23 10.80
N VAL B 68 -16.58 -11.99 9.75
CA VAL B 68 -17.12 -12.05 8.40
C VAL B 68 -17.63 -13.45 8.09
N THR B 69 -16.85 -14.47 8.45
CA THR B 69 -17.27 -15.84 8.14
C THR B 69 -18.55 -16.21 8.90
N TYR B 70 -18.66 -15.82 10.17
CA TYR B 70 -19.87 -16.13 10.91
C TYR B 70 -21.08 -15.44 10.29
N ILE B 71 -20.95 -14.15 9.99
CA ILE B 71 -22.08 -13.42 9.45
C ILE B 71 -22.46 -13.94 8.07
N PHE B 72 -21.49 -14.43 7.30
CA PHE B 72 -21.80 -15.02 6.01
C PHE B 72 -22.53 -16.34 6.17
N CYS B 73 -22.02 -17.21 7.04
CA CYS B 73 -22.63 -18.52 7.23
C CYS B 73 -24.02 -18.42 7.85
N LYS B 74 -24.34 -17.31 8.51
CA LYS B 74 -25.68 -17.16 9.05
C LYS B 74 -26.71 -16.78 7.99
N HIS B 75 -26.26 -16.37 6.79
CA HIS B 75 -27.15 -16.11 5.66
C HIS B 75 -26.79 -16.93 4.44
N ARG B 76 -25.92 -17.95 4.61
CA ARG B 76 -25.49 -18.79 3.50
C ARG B 76 -26.64 -19.15 2.55
N SER B 77 -27.85 -19.35 3.08
CA SER B 77 -28.91 -19.96 2.31
C SER B 77 -29.21 -19.22 1.01
N ARG B 78 -28.94 -17.91 0.94
CA ARG B 78 -29.28 -17.11 -0.23
C ARG B 78 -28.06 -16.41 -0.82
N ALA B 79 -26.94 -17.13 -0.97
CA ALA B 79 -25.73 -16.52 -1.50
C ALA B 79 -25.59 -16.81 -3.00
N GLY B 80 -24.72 -16.05 -3.65
CA GLY B 80 -24.44 -16.23 -5.06
C GLY B 80 -23.05 -16.79 -5.31
N ALA B 81 -22.60 -16.67 -6.56
CA ALA B 81 -21.30 -17.22 -6.93
C ALA B 81 -20.16 -16.39 -6.35
N ILE B 82 -20.25 -15.06 -6.42
CA ILE B 82 -19.14 -14.22 -6.00
C ILE B 82 -19.06 -14.14 -4.49
N ASP B 83 -20.17 -14.36 -3.80
CA ASP B 83 -20.14 -14.36 -2.34
C ASP B 83 -19.24 -15.45 -1.79
N ILE B 84 -19.25 -16.63 -2.44
CA ILE B 84 -18.39 -17.72 -2.02
C ILE B 84 -16.92 -17.33 -2.14
N LEU B 85 -16.55 -16.67 -3.24
CA LEU B 85 -15.17 -16.24 -3.41
C LEU B 85 -14.79 -15.18 -2.39
N LEU B 86 -15.71 -14.24 -2.12
CA LEU B 86 -15.45 -13.22 -1.12
C LEU B 86 -15.27 -13.81 0.27
N LEU B 87 -15.92 -14.94 0.55
CA LEU B 87 -15.69 -15.65 1.81
C LEU B 87 -14.36 -16.41 1.76
N GLY B 88 -14.03 -16.96 0.59
CA GLY B 88 -12.78 -17.68 0.45
C GLY B 88 -11.58 -16.81 0.72
N ILE B 89 -11.69 -15.52 0.37
CA ILE B 89 -10.59 -14.60 0.69
C ILE B 89 -10.38 -14.52 2.21
N CYS B 90 -11.46 -14.44 2.97
CA CYS B 90 -11.35 -14.45 4.43
C CYS B 90 -10.74 -15.75 4.94
N LEU B 91 -11.11 -16.88 4.33
CA LEU B 91 -10.50 -18.15 4.73
C LEU B 91 -9.00 -18.15 4.44
N ASN B 92 -8.60 -17.61 3.29
CA ASN B 92 -7.18 -17.46 2.99
C ASN B 92 -6.49 -16.67 4.09
N SER B 93 -7.10 -15.57 4.52
CA SER B 93 -6.53 -14.80 5.62
C SER B 93 -6.42 -15.62 6.89
N LEU B 94 -7.44 -16.41 7.21
CA LEU B 94 -7.38 -17.25 8.40
C LEU B 94 -6.27 -18.28 8.33
N CYS B 95 -5.80 -18.64 7.14
CA CYS B 95 -4.60 -19.48 7.05
C CYS B 95 -3.36 -18.73 7.55
N LEU B 96 -3.15 -17.51 7.04
CA LEU B 96 -2.01 -16.72 7.49
C LEU B 96 -2.10 -16.45 8.99
N SER B 97 -3.31 -16.42 9.53
CA SER B 97 -3.42 -16.17 10.97
C SER B 97 -2.68 -17.24 11.77
N ILE B 98 -2.89 -18.52 11.43
CA ILE B 98 -2.18 -19.58 12.11
C ILE B 98 -0.69 -19.53 11.78
N SER B 99 -0.35 -19.21 10.52
CA SER B 99 1.07 -19.07 10.19
C SER B 99 1.76 -18.07 11.11
N LEU B 100 1.17 -16.89 11.26
CA LEU B 100 1.76 -15.85 12.11
C LEU B 100 1.74 -16.24 13.58
N LEU B 101 0.71 -16.96 14.02
CA LEU B 101 0.71 -17.45 15.39
C LEU B 101 1.92 -18.34 15.64
N ALA B 102 2.18 -19.27 14.73
CA ALA B 102 3.33 -20.16 14.88
C ALA B 102 4.63 -19.37 14.87
N GLU B 103 4.75 -18.41 13.95
CA GLU B 103 5.98 -17.63 13.86
C GLU B 103 6.22 -16.83 15.13
N VAL B 104 5.18 -16.20 15.67
CA VAL B 104 5.35 -15.38 16.88
C VAL B 104 5.66 -16.26 18.07
N LEU B 105 5.02 -17.44 18.16
CA LEU B 105 5.31 -18.34 19.27
C LEU B 105 6.75 -18.86 19.19
N MET B 106 7.27 -19.06 17.96
CA MET B 106 8.68 -19.40 17.82
C MET B 106 9.59 -18.26 18.26
N PHE B 107 9.23 -17.02 17.90
CA PHE B 107 10.03 -15.88 18.37
C PHE B 107 10.06 -15.82 19.89
N LEU B 108 8.88 -15.86 20.53
CA LEU B 108 8.84 -15.68 21.97
C LEU B 108 9.46 -16.85 22.72
N PHE B 109 9.33 -18.07 22.18
CA PHE B 109 9.79 -19.28 22.84
C PHE B 109 10.66 -20.07 21.88
N PRO B 110 11.94 -19.70 21.75
CA PRO B 110 12.82 -20.41 20.82
C PRO B 110 13.04 -21.87 21.17
N ASN B 111 12.80 -22.27 22.43
CA ASN B 111 12.95 -23.67 22.81
C ASN B 111 11.97 -24.57 22.08
N ILE B 112 10.84 -24.03 21.61
CA ILE B 112 9.85 -24.82 20.89
C ILE B 112 10.23 -25.07 19.44
N ILE B 113 11.21 -24.33 18.91
CA ILE B 113 11.61 -24.47 17.51
C ILE B 113 11.96 -25.92 17.24
N SER B 114 11.24 -26.54 16.31
CA SER B 114 11.45 -27.93 15.96
C SER B 114 11.05 -28.11 14.49
N THR B 115 11.32 -29.31 13.97
CA THR B 115 11.03 -29.58 12.57
C THR B 115 9.54 -29.46 12.26
N GLY B 116 8.68 -30.00 13.12
CA GLY B 116 7.26 -30.01 12.87
C GLY B 116 6.65 -28.62 12.82
N LEU B 117 6.97 -27.78 13.81
CA LEU B 117 6.42 -26.43 13.83
C LEU B 117 7.02 -25.58 12.72
N CYS B 118 8.32 -25.75 12.43
CA CYS B 118 8.93 -25.05 11.31
C CYS B 118 8.24 -25.41 10.00
N ARG B 119 7.84 -26.68 9.84
CA ARG B 119 7.12 -27.08 8.65
C ARG B 119 5.72 -26.50 8.61
N LEU B 120 5.00 -26.56 9.74
CA LEU B 120 3.62 -26.08 9.78
C LEU B 120 3.54 -24.59 9.47
N GLU B 121 4.42 -23.80 10.06
CA GLU B 121 4.38 -22.35 9.84
C GLU B 121 4.54 -22.02 8.36
N ILE B 122 5.57 -22.58 7.73
CA ILE B 122 5.82 -22.27 6.33
C ILE B 122 4.73 -22.85 5.43
N PHE B 123 4.18 -24.01 5.82
CA PHE B 123 3.07 -24.58 5.06
C PHE B 123 1.90 -23.62 5.00
N PHE B 124 1.46 -23.11 6.15
CA PHE B 124 0.33 -22.18 6.14
C PHE B 124 0.70 -20.85 5.48
N TYR B 125 1.94 -20.40 5.61
CA TYR B 125 2.37 -19.19 4.91
C TYR B 125 2.19 -19.33 3.40
N TYR B 126 2.74 -20.41 2.83
CA TYR B 126 2.60 -20.61 1.39
C TYR B 126 1.14 -20.83 1.00
N LEU B 127 0.37 -21.50 1.86
CA LEU B 127 -1.03 -21.71 1.57
C LEU B 127 -1.76 -20.38 1.40
N TYR B 128 -1.57 -19.46 2.36
CA TYR B 128 -2.12 -18.11 2.24
C TYR B 128 -1.65 -17.43 0.95
N VAL B 129 -0.34 -17.45 0.72
CA VAL B 129 0.21 -16.70 -0.41
C VAL B 129 -0.40 -17.18 -1.72
N TYR B 130 -0.55 -18.49 -1.88
CA TYR B 130 -1.14 -19.02 -3.10
C TYR B 130 -2.64 -18.72 -3.16
N LEU B 131 -3.34 -18.90 -2.04
CA LEU B 131 -4.79 -18.84 -2.05
C LEU B 131 -5.29 -17.43 -2.35
N ASP B 132 -4.57 -16.41 -1.89
CA ASP B 132 -5.03 -15.04 -2.16
C ASP B 132 -5.12 -14.77 -3.66
N ILE B 133 -4.02 -15.04 -4.38
CA ILE B 133 -4.02 -14.76 -5.81
C ILE B 133 -4.96 -15.72 -6.54
N PHE B 134 -5.06 -16.97 -6.08
CA PHE B 134 -6.02 -17.88 -6.70
C PHE B 134 -7.44 -17.37 -6.56
N SER B 135 -7.80 -16.85 -5.38
CA SER B 135 -9.16 -16.35 -5.17
C SER B 135 -9.44 -15.14 -6.05
N VAL B 136 -8.45 -14.24 -6.20
CA VAL B 136 -8.68 -13.11 -7.09
C VAL B 136 -8.88 -13.59 -8.53
N VAL B 137 -8.11 -14.59 -8.95
CA VAL B 137 -8.29 -15.14 -10.29
C VAL B 137 -9.68 -15.74 -10.43
N CYS B 138 -10.16 -16.42 -9.40
CA CYS B 138 -11.50 -16.99 -9.45
C CYS B 138 -12.56 -15.89 -9.55
N VAL B 139 -12.36 -14.77 -8.86
CA VAL B 139 -13.31 -13.66 -8.97
C VAL B 139 -13.36 -13.16 -10.41
N SER B 140 -12.21 -12.94 -11.02
CA SER B 140 -12.21 -12.49 -12.41
C SER B 140 -12.88 -13.51 -13.33
N LEU B 141 -12.60 -14.79 -13.12
CA LEU B 141 -13.19 -15.84 -13.94
C LEU B 141 -14.71 -15.85 -13.81
N VAL B 142 -15.23 -15.75 -12.59
CA VAL B 142 -16.67 -15.82 -12.40
C VAL B 142 -17.35 -14.59 -13.00
N ARG B 143 -16.70 -13.42 -12.92
CA ARG B 143 -17.27 -12.26 -13.60
C ARG B 143 -17.33 -12.48 -15.10
N TYR B 144 -16.26 -13.06 -15.68
CA TYR B 144 -16.30 -13.36 -17.11
C TYR B 144 -17.43 -14.32 -17.43
N LEU B 145 -17.62 -15.35 -16.61
CA LEU B 145 -18.70 -16.31 -16.85
C LEU B 145 -20.05 -15.62 -16.76
N LEU B 146 -20.22 -14.70 -15.81
CA LEU B 146 -21.48 -13.98 -15.70
C LEU B 146 -21.78 -13.19 -16.96
N VAL B 147 -20.81 -12.42 -17.45
CA VAL B 147 -21.08 -11.61 -18.65
C VAL B 147 -21.21 -12.46 -19.90
N ALA B 148 -20.39 -13.50 -20.06
CA ALA B 148 -20.36 -14.23 -21.34
C ALA B 148 -21.55 -15.17 -21.49
N TYR B 149 -22.04 -15.74 -20.39
CA TYR B 149 -23.19 -16.63 -20.39
C TYR B 149 -24.36 -16.01 -19.65
N SER B 150 -24.63 -14.73 -19.91
CA SER B 150 -25.79 -14.07 -19.33
C SER B 150 -27.10 -14.70 -19.79
N THR B 151 -27.07 -15.44 -20.90
CA THR B 151 -28.27 -16.12 -21.38
C THR B 151 -28.64 -17.32 -20.51
N ARG B 152 -27.76 -17.74 -19.61
CA ARG B 152 -27.96 -18.92 -18.79
C ARG B 152 -27.96 -18.51 -17.31
N SER B 153 -28.54 -19.37 -16.49
CA SER B 153 -28.71 -19.04 -15.07
C SER B 153 -27.59 -19.64 -14.21
N TRP B 154 -26.88 -20.65 -14.71
CA TRP B 154 -25.95 -21.39 -13.86
C TRP B 154 -24.78 -20.54 -13.35
N PRO B 155 -24.31 -19.50 -14.04
CA PRO B 155 -23.23 -18.69 -13.47
C PRO B 155 -23.57 -18.03 -12.14
N LYS B 156 -24.84 -17.67 -11.90
CA LYS B 156 -25.21 -16.95 -10.70
C LYS B 156 -25.35 -17.85 -9.48
N LYS B 157 -25.27 -19.16 -9.67
CA LYS B 157 -25.58 -20.08 -8.58
C LYS B 157 -24.36 -20.31 -7.69
N GLN B 158 -24.64 -20.77 -6.46
CA GLN B 158 -23.61 -20.89 -5.44
C GLN B 158 -22.67 -22.06 -5.72
N SER B 159 -23.16 -23.04 -6.49
CA SER B 159 -22.38 -24.25 -6.74
C SER B 159 -21.10 -23.92 -7.50
N LEU B 160 -21.16 -23.00 -8.46
CA LEU B 160 -19.96 -22.62 -9.19
C LEU B 160 -18.91 -22.00 -8.25
N GLY B 161 -19.34 -21.15 -7.32
CA GLY B 161 -18.41 -20.60 -6.35
C GLY B 161 -17.77 -21.68 -5.49
N TRP B 162 -18.57 -22.65 -5.02
CA TRP B 162 -17.98 -23.74 -4.26
C TRP B 162 -16.98 -24.53 -5.10
N VAL B 163 -17.31 -24.80 -6.36
CA VAL B 163 -16.39 -25.58 -7.20
C VAL B 163 -15.07 -24.84 -7.37
N LEU B 164 -15.14 -23.53 -7.64
CA LEU B 164 -13.92 -22.77 -7.84
C LEU B 164 -13.09 -22.72 -6.57
N THR B 165 -13.73 -22.52 -5.41
CA THR B 165 -12.99 -22.54 -4.15
C THR B 165 -12.32 -23.88 -3.92
N SER B 166 -13.03 -24.98 -4.20
CA SER B 166 -12.45 -26.30 -4.02
C SER B 166 -11.23 -26.50 -4.91
N ALA B 167 -11.32 -26.10 -6.18
CA ALA B 167 -10.14 -26.24 -7.04
C ALA B 167 -8.97 -25.41 -6.52
N ALA B 168 -9.25 -24.18 -6.09
CA ALA B 168 -8.17 -23.33 -5.58
C ALA B 168 -7.49 -23.98 -4.38
N TRP B 169 -8.28 -24.50 -3.44
CA TRP B 169 -7.69 -25.14 -2.27
C TRP B 169 -6.91 -26.40 -2.65
N LEU B 170 -7.44 -27.19 -3.57
CA LEU B 170 -6.75 -28.42 -3.96
C LEU B 170 -5.44 -28.14 -4.67
N ILE B 171 -5.27 -26.98 -5.31
CA ILE B 171 -3.98 -26.63 -5.89
C ILE B 171 -3.04 -26.06 -4.83
N ALA B 172 -3.54 -25.12 -4.02
CA ALA B 172 -2.68 -24.48 -3.02
C ALA B 172 -2.16 -25.47 -1.99
N LEU B 173 -2.98 -26.44 -1.58
CA LEU B 173 -2.53 -27.42 -0.61
C LEU B 173 -1.34 -28.21 -1.14
N VAL B 174 -1.43 -28.65 -2.40
CA VAL B 174 -0.32 -29.40 -2.99
C VAL B 174 0.93 -28.55 -3.08
N LEU B 175 0.79 -27.29 -3.52
CA LEU B 175 1.97 -26.44 -3.66
C LEU B 175 2.63 -26.19 -2.31
N SER B 176 1.84 -25.88 -1.27
CA SER B 176 2.42 -25.65 0.05
C SER B 176 3.03 -26.93 0.63
N GLY B 177 2.40 -28.08 0.40
CA GLY B 177 2.98 -29.33 0.84
C GLY B 177 4.33 -29.59 0.19
N ASP B 178 4.43 -29.33 -1.11
CA ASP B 178 5.71 -29.45 -1.78
C ASP B 178 6.74 -28.50 -1.19
N ALA B 179 6.31 -27.26 -0.89
CA ALA B 179 7.23 -26.27 -0.35
C ALA B 179 7.80 -26.70 0.99
N CYS B 180 6.96 -27.23 1.87
CA CYS B 180 7.40 -27.54 3.23
C CYS B 180 8.01 -28.94 3.37
N ARG B 181 8.49 -29.53 2.28
CA ARG B 181 9.01 -30.90 2.36
C ARG B 181 10.33 -30.95 3.12
N HIS B 182 11.26 -30.05 2.79
CA HIS B 182 12.57 -29.96 3.46
C HIS B 182 12.58 -28.68 4.26
N ARG B 183 12.35 -28.80 5.58
CA ARG B 183 12.29 -27.65 6.47
C ARG B 183 12.53 -28.18 7.87
N SER B 184 13.69 -27.88 8.45
CA SER B 184 14.16 -28.64 9.60
C SER B 184 14.81 -27.74 10.64
N ARG B 185 14.89 -28.27 11.85
CA ARG B 185 15.61 -27.64 12.95
C ARG B 185 17.10 -27.61 12.67
N VAL B 186 17.71 -26.44 12.87
CA VAL B 186 19.15 -26.26 12.69
C VAL B 186 19.68 -25.43 13.86
N VAL B 187 20.93 -25.70 14.24
CA VAL B 187 21.58 -25.02 15.35
C VAL B 187 22.80 -24.28 14.81
N ASP B 188 22.91 -23.00 15.15
CA ASP B 188 24.06 -22.20 14.74
C ASP B 188 25.28 -22.64 15.55
N PRO B 189 26.37 -23.05 14.91
CA PRO B 189 27.50 -23.59 15.69
C PRO B 189 28.12 -22.60 16.66
N VAL B 190 28.16 -21.31 16.31
CA VAL B 190 28.81 -20.30 17.14
C VAL B 190 27.85 -19.69 18.15
N SER B 191 26.68 -19.24 17.70
CA SER B 191 25.73 -18.60 18.60
C SER B 191 25.01 -19.60 19.50
N LYS B 192 25.04 -20.89 19.14
CA LYS B 192 24.47 -21.95 19.98
C LYS B 192 22.99 -21.71 20.24
N GLN B 193 22.22 -21.45 19.18
CA GLN B 193 20.78 -21.32 19.27
C GLN B 193 20.14 -21.76 17.96
N ALA B 194 18.87 -22.14 18.03
CA ALA B 194 18.21 -22.83 16.93
C ALA B 194 17.61 -21.84 15.94
N MET B 195 17.13 -22.39 14.82
CA MET B 195 16.48 -21.60 13.78
C MET B 195 15.88 -22.56 12.76
N CYS B 196 14.77 -22.12 12.15
CA CYS B 196 14.17 -22.88 11.06
C CYS B 196 14.93 -22.59 9.77
N TYR B 197 15.35 -23.64 9.07
CA TYR B 197 16.12 -23.48 7.85
C TYR B 197 15.81 -24.65 6.93
N GLU B 198 15.89 -24.40 5.62
CA GLU B 198 15.60 -25.42 4.61
C GLU B 198 16.80 -26.36 4.44
N ASN B 199 16.92 -27.29 5.39
CA ASN B 199 18.03 -28.24 5.43
C ASN B 199 17.63 -29.50 4.68
N ALA B 200 17.92 -29.51 3.38
CA ALA B 200 17.71 -30.67 2.53
C ALA B 200 18.99 -31.48 2.36
N GLY B 201 19.87 -31.48 3.36
CA GLY B 201 21.16 -32.12 3.20
C GLY B 201 22.11 -31.22 2.46
N ASN B 202 22.99 -31.83 1.65
CA ASN B 202 23.90 -31.06 0.83
C ASN B 202 23.28 -30.67 -0.51
N MET B 203 22.02 -31.01 -0.75
CA MET B 203 21.22 -30.37 -1.80
C MET B 203 20.51 -29.10 -1.31
N THR B 204 20.95 -28.50 -0.21
CA THR B 204 20.18 -27.40 0.38
C THR B 204 20.00 -26.23 -0.57
N ALA B 205 21.07 -25.81 -1.26
CA ALA B 205 20.95 -24.66 -2.16
C ALA B 205 20.01 -24.95 -3.32
N ASP B 206 20.11 -26.15 -3.90
CA ASP B 206 19.21 -26.51 -4.99
C ASP B 206 17.76 -26.49 -4.53
N TRP B 207 17.50 -27.01 -3.33
CA TRP B 207 16.13 -27.00 -2.82
C TRP B 207 15.64 -25.58 -2.56
N ARG B 208 16.51 -24.72 -2.03
CA ARG B 208 16.10 -23.34 -1.80
C ARG B 208 15.72 -22.66 -3.11
N LEU B 209 16.55 -22.84 -4.15
CA LEU B 209 16.22 -22.28 -5.45
C LEU B 209 14.94 -22.89 -6.02
N HIS B 210 14.72 -24.19 -5.82
CA HIS B 210 13.51 -24.83 -6.32
C HIS B 210 12.27 -24.25 -5.65
N VAL B 211 12.31 -24.08 -4.33
CA VAL B 211 11.16 -23.51 -3.63
C VAL B 211 10.91 -22.08 -4.10
N ARG B 212 11.98 -21.30 -4.29
CA ARG B 212 11.80 -19.94 -4.79
C ARG B 212 11.18 -19.95 -6.18
N THR B 213 11.64 -20.83 -7.06
CA THR B 213 11.10 -20.89 -8.42
C THR B 213 9.63 -21.29 -8.40
N VAL B 214 9.26 -22.25 -7.55
CA VAL B 214 7.87 -22.66 -7.46
C VAL B 214 7.01 -21.53 -6.89
N SER B 215 7.54 -20.77 -5.93
CA SER B 215 6.78 -19.67 -5.36
C SER B 215 6.60 -18.53 -6.37
N VAL B 216 7.56 -18.36 -7.28
CA VAL B 216 7.50 -17.27 -8.24
C VAL B 216 6.64 -17.63 -9.45
N THR B 217 6.84 -18.82 -10.03
CA THR B 217 6.15 -19.16 -11.27
C THR B 217 4.67 -19.47 -11.01
N ALA B 218 4.40 -20.49 -10.21
CA ALA B 218 3.03 -20.92 -9.97
C ALA B 218 2.29 -20.01 -8.99
N GLY B 219 2.97 -19.08 -8.35
CA GLY B 219 2.39 -18.22 -7.36
C GLY B 219 2.16 -16.79 -7.78
N PHE B 220 2.92 -16.27 -8.75
CA PHE B 220 2.79 -14.88 -9.14
C PHE B 220 2.48 -14.70 -10.62
N LEU B 221 3.23 -15.39 -11.48
CA LEU B 221 3.19 -15.08 -12.91
C LEU B 221 1.94 -15.68 -13.57
N LEU B 222 1.79 -17.01 -13.48
CA LEU B 222 0.65 -17.65 -14.14
C LEU B 222 -0.68 -17.15 -13.59
N PRO B 223 -0.88 -17.05 -12.28
CA PRO B 223 -2.14 -16.45 -11.78
C PRO B 223 -2.38 -15.04 -12.30
N LEU B 224 -1.33 -14.23 -12.38
CA LEU B 224 -1.49 -12.87 -12.90
C LEU B 224 -1.91 -12.89 -14.36
N ALA B 225 -1.32 -13.78 -15.16
CA ALA B 225 -1.71 -13.91 -16.55
C ALA B 225 -3.17 -14.31 -16.68
N LEU B 226 -3.61 -15.27 -15.87
CA LEU B 226 -5.02 -15.67 -15.91
C LEU B 226 -5.93 -14.53 -15.51
N LEU B 227 -5.55 -13.78 -14.47
CA LEU B 227 -6.31 -12.61 -14.04
C LEU B 227 -6.50 -11.61 -15.18
N ILE B 228 -5.39 -11.25 -15.82
CA ILE B 228 -5.45 -10.27 -16.91
C ILE B 228 -6.27 -10.81 -18.07
N LEU B 229 -6.13 -12.10 -18.37
CA LEU B 229 -6.89 -12.71 -19.46
C LEU B 229 -8.39 -12.59 -19.19
N PHE B 230 -8.82 -12.95 -17.99
CA PHE B 230 -10.24 -12.89 -17.68
C PHE B 230 -10.77 -11.46 -17.71
N TYR B 231 -10.03 -10.50 -17.16
CA TYR B 231 -10.51 -9.12 -17.22
C TYR B 231 -10.59 -8.63 -18.67
N ALA B 232 -9.59 -8.95 -19.50
CA ALA B 232 -9.65 -8.53 -20.90
C ALA B 232 -10.84 -9.15 -21.61
N LEU B 233 -11.11 -10.43 -21.38
CA LEU B 233 -12.25 -11.07 -22.02
C LEU B 233 -13.57 -10.44 -21.57
N THR B 234 -13.70 -10.17 -20.27
CA THR B 234 -14.92 -9.52 -19.78
C THR B 234 -15.11 -8.15 -20.44
N TRP B 235 -14.03 -7.37 -20.53
CA TRP B 235 -14.11 -6.05 -21.16
C TRP B 235 -14.54 -6.17 -22.61
N CYS B 236 -13.91 -7.07 -23.38
CA CYS B 236 -14.25 -7.21 -24.79
C CYS B 236 -15.71 -7.62 -24.96
N VAL B 237 -16.14 -8.64 -24.22
CA VAL B 237 -17.51 -9.14 -24.40
C VAL B 237 -18.54 -8.12 -23.96
N VAL B 238 -18.31 -7.41 -22.85
CA VAL B 238 -19.28 -6.39 -22.46
C VAL B 238 -19.33 -5.26 -23.48
N ARG B 239 -18.21 -4.94 -24.13
CA ARG B 239 -18.28 -3.95 -25.20
C ARG B 239 -19.07 -4.45 -26.41
N ARG B 240 -18.91 -5.73 -26.78
CA ARG B 240 -19.65 -6.23 -27.93
C ARG B 240 -21.11 -6.53 -27.60
N THR B 241 -21.50 -6.54 -26.33
CA THR B 241 -22.89 -6.75 -25.98
C THR B 241 -23.69 -5.48 -26.23
N LYS B 242 -24.95 -5.65 -26.65
CA LYS B 242 -25.85 -4.52 -26.91
C LYS B 242 -26.52 -3.99 -25.65
N LEU B 243 -25.74 -3.65 -24.62
CA LEU B 243 -26.24 -3.04 -23.39
C LEU B 243 -27.60 -3.62 -23.00
N GLN B 244 -27.62 -4.93 -22.76
CA GLN B 244 -28.88 -5.58 -22.43
C GLN B 244 -29.50 -5.02 -21.16
N ALA B 245 -28.66 -4.58 -20.22
CA ALA B 245 -29.15 -4.00 -18.97
C ALA B 245 -28.06 -3.11 -18.37
N ARG B 246 -28.49 -2.15 -17.56
CA ARG B 246 -27.58 -1.26 -16.85
C ARG B 246 -27.16 -1.93 -15.55
N ARG B 247 -26.15 -2.80 -15.65
CA ARG B 247 -25.62 -3.48 -14.48
C ARG B 247 -24.85 -2.49 -13.62
N LYS B 248 -25.16 -2.46 -12.32
CA LYS B 248 -24.57 -1.48 -11.44
C LYS B 248 -23.21 -1.95 -10.93
N VAL B 249 -22.34 -0.98 -10.64
CA VAL B 249 -21.01 -1.30 -10.12
C VAL B 249 -21.15 -1.90 -8.73
N ARG B 250 -20.32 -2.89 -8.44
CA ARG B 250 -20.33 -3.58 -7.16
C ARG B 250 -19.15 -3.04 -6.35
N GLY B 251 -19.47 -2.18 -5.38
CA GLY B 251 -18.42 -1.46 -4.67
C GLY B 251 -17.50 -2.36 -3.87
N VAL B 252 -18.04 -3.43 -3.28
CA VAL B 252 -17.24 -4.29 -2.41
C VAL B 252 -16.19 -5.03 -3.22
N ILE B 253 -16.55 -5.48 -4.42
CA ILE B 253 -15.62 -6.29 -5.22
C ILE B 253 -14.43 -5.44 -5.67
N VAL B 254 -14.68 -4.20 -6.08
CA VAL B 254 -13.63 -3.36 -6.63
C VAL B 254 -12.56 -3.07 -5.57
N ALA B 255 -12.99 -2.73 -4.36
CA ALA B 255 -12.05 -2.28 -3.34
C ALA B 255 -11.05 -3.37 -2.98
N VAL B 256 -11.53 -4.61 -2.82
CA VAL B 256 -10.63 -5.68 -2.42
C VAL B 256 -9.64 -6.01 -3.54
N VAL B 257 -10.08 -6.00 -4.79
CA VAL B 257 -9.18 -6.27 -5.90
C VAL B 257 -8.13 -5.18 -6.01
N VAL B 258 -8.51 -3.93 -5.74
CA VAL B 258 -7.55 -2.83 -5.77
C VAL B 258 -6.54 -2.98 -4.63
N LEU B 259 -7.02 -3.26 -3.43
CA LEU B 259 -6.13 -3.35 -2.28
C LEU B 259 -5.22 -4.58 -2.33
N PHE B 260 -5.62 -5.63 -3.07
CA PHE B 260 -4.71 -6.73 -3.30
C PHE B 260 -3.46 -6.28 -4.06
N PHE B 261 -3.66 -5.50 -5.12
CA PHE B 261 -2.53 -4.98 -5.86
C PHE B 261 -1.79 -3.88 -5.11
N VAL B 262 -2.45 -3.22 -4.15
CA VAL B 262 -1.76 -2.25 -3.32
C VAL B 262 -0.81 -2.95 -2.33
N PHE B 263 -1.33 -3.90 -1.56
CA PHE B 263 -0.58 -4.47 -0.44
C PHE B 263 0.24 -5.71 -0.80
N CYS B 264 -0.30 -6.59 -1.65
CA CYS B 264 0.32 -7.90 -1.89
C CYS B 264 1.21 -7.94 -3.13
N PHE B 265 0.90 -7.15 -4.15
CA PHE B 265 1.68 -7.19 -5.38
C PHE B 265 3.14 -6.80 -5.20
N PRO B 266 3.49 -5.73 -4.47
CA PRO B 266 4.91 -5.38 -4.35
C PRO B 266 5.76 -6.48 -3.71
N TYR B 267 5.22 -7.24 -2.76
CA TYR B 267 5.99 -8.34 -2.19
C TYR B 267 6.30 -9.39 -3.24
N HIS B 268 5.35 -9.72 -4.10
CA HIS B 268 5.63 -10.66 -5.17
C HIS B 268 6.65 -10.11 -6.15
N VAL B 269 6.59 -8.80 -6.43
CA VAL B 269 7.58 -8.21 -7.34
C VAL B 269 8.98 -8.33 -6.74
N LEU B 270 9.13 -7.97 -5.46
CA LEU B 270 10.45 -8.04 -4.83
C LEU B 270 10.90 -9.49 -4.67
N ASN B 271 9.97 -10.42 -4.49
CA ASN B 271 10.35 -11.83 -4.45
C ASN B 271 10.86 -12.30 -5.81
N LEU B 272 10.22 -11.84 -6.89
CA LEU B 272 10.72 -12.16 -8.22
C LEU B 272 12.12 -11.60 -8.43
N LEU B 273 12.34 -10.35 -7.99
CA LEU B 273 13.67 -9.76 -8.11
C LEU B 273 14.69 -10.56 -7.30
N ASP B 274 14.32 -10.95 -6.08
CA ASP B 274 15.22 -11.74 -5.25
C ASP B 274 15.56 -13.06 -5.91
N THR B 275 14.55 -13.75 -6.45
CA THR B 275 14.80 -15.03 -7.10
C THR B 275 15.71 -14.87 -8.31
N LEU B 276 15.52 -13.82 -9.09
CA LEU B 276 16.44 -13.58 -10.20
C LEU B 276 17.83 -13.23 -9.69
N LEU B 277 17.93 -12.66 -8.49
CA LEU B 277 19.23 -12.32 -7.93
C LEU B 277 19.98 -13.56 -7.48
N ARG B 278 19.29 -14.49 -6.80
CA ARG B 278 19.94 -15.73 -6.39
C ARG B 278 20.38 -16.54 -7.60
N ARG B 279 19.55 -16.60 -8.63
CA ARG B 279 19.89 -17.34 -9.84
C ARG B 279 20.88 -16.60 -10.72
N ARG B 280 21.20 -15.35 -10.41
CA ARG B 280 22.27 -14.60 -11.08
C ARG B 280 21.93 -14.36 -12.56
N TRP B 281 20.72 -13.86 -12.81
CA TRP B 281 20.34 -13.38 -14.14
C TRP B 281 20.38 -11.86 -14.25
N ILE B 282 20.76 -11.15 -13.19
CA ILE B 282 20.87 -9.70 -13.26
C ILE B 282 22.27 -9.25 -12.84
N ARG B 283 22.70 -9.62 -11.63
CA ARG B 283 24.00 -9.20 -11.12
C ARG B 283 24.20 -9.79 -9.74
N ASP B 284 25.42 -9.65 -9.24
CA ASP B 284 25.79 -9.99 -7.87
C ASP B 284 26.57 -8.81 -7.29
N SER B 285 25.94 -8.06 -6.39
CA SER B 285 26.57 -6.89 -5.81
C SER B 285 26.08 -6.72 -4.38
N CYS B 286 26.88 -6.05 -3.56
CA CYS B 286 26.55 -5.87 -2.16
C CYS B 286 25.44 -4.83 -1.96
N TYR B 287 25.49 -3.73 -2.72
CA TYR B 287 24.46 -2.71 -2.59
C TYR B 287 23.11 -3.24 -3.03
N THR B 288 23.07 -3.98 -4.14
CA THR B 288 21.82 -4.61 -4.57
C THR B 288 21.35 -5.63 -3.55
N ARG B 289 22.28 -6.36 -2.94
CA ARG B 289 21.93 -7.28 -1.86
C ARG B 289 21.21 -6.55 -0.73
N GLY B 290 21.79 -5.43 -0.27
CA GLY B 290 21.16 -4.68 0.79
C GLY B 290 19.81 -4.11 0.40
N LEU B 291 19.71 -3.59 -0.83
CA LEU B 291 18.44 -3.07 -1.31
C LEU B 291 17.36 -4.14 -1.31
N ILE B 292 17.68 -5.31 -1.86
CA ILE B 292 16.71 -6.39 -1.92
C ILE B 292 16.33 -6.85 -0.52
N ASN B 293 17.32 -6.95 0.38
CA ASN B 293 17.03 -7.41 1.73
C ASN B 293 16.07 -6.47 2.44
N VAL B 294 16.37 -5.16 2.42
CA VAL B 294 15.49 -4.22 3.11
C VAL B 294 14.13 -4.14 2.42
N GLY B 295 14.09 -4.19 1.09
CA GLY B 295 12.81 -4.17 0.40
C GLY B 295 11.95 -5.36 0.76
N LEU B 296 12.55 -6.55 0.79
CA LEU B 296 11.81 -7.74 1.19
C LEU B 296 11.32 -7.62 2.63
N ALA B 297 12.16 -7.08 3.52
CA ALA B 297 11.74 -6.90 4.90
C ALA B 297 10.55 -5.96 5.01
N VAL B 298 10.51 -4.92 4.18
CA VAL B 298 9.43 -3.93 4.30
C VAL B 298 8.14 -4.46 3.68
N THR B 299 8.22 -5.02 2.48
CA THR B 299 7.01 -5.41 1.75
C THR B 299 6.39 -6.67 2.33
N SER B 300 7.18 -7.51 3.00
CA SER B 300 6.62 -8.71 3.61
C SER B 300 5.59 -8.36 4.67
N LEU B 301 5.74 -7.21 5.33
CA LEU B 301 4.74 -6.78 6.30
C LEU B 301 3.51 -6.22 5.63
N LEU B 302 3.66 -5.61 4.44
CA LEU B 302 2.50 -5.15 3.69
C LEU B 302 1.63 -6.33 3.27
N GLN B 303 2.25 -7.41 2.78
CA GLN B 303 1.50 -8.57 2.34
C GLN B 303 0.74 -9.20 3.49
N ALA B 304 1.36 -9.27 4.67
CA ALA B 304 0.65 -9.78 5.84
C ALA B 304 -0.45 -8.83 6.28
N LEU B 305 -0.33 -7.54 5.94
CA LEU B 305 -1.31 -6.56 6.38
C LEU B 305 -2.58 -6.63 5.53
N TYR B 306 -2.51 -7.28 4.37
CA TYR B 306 -3.71 -7.42 3.55
C TYR B 306 -4.75 -8.31 4.23
N SER B 307 -4.30 -9.33 4.96
CA SER B 307 -5.23 -10.15 5.71
C SER B 307 -6.01 -9.33 6.73
N ALA B 308 -5.39 -8.28 7.28
CA ALA B 308 -6.07 -7.34 8.16
C ALA B 308 -6.94 -6.35 7.39
N VAL B 309 -6.50 -5.93 6.21
CA VAL B 309 -7.26 -4.96 5.42
C VAL B 309 -8.56 -5.57 4.92
N VAL B 310 -8.53 -6.84 4.52
CA VAL B 310 -9.67 -7.50 3.90
C VAL B 310 -10.93 -7.36 4.75
N PRO B 311 -10.96 -7.89 5.98
CA PRO B 311 -12.22 -7.85 6.75
C PRO B 311 -12.73 -6.45 7.02
N LEU B 312 -11.85 -5.46 7.09
CA LEU B 312 -12.30 -4.09 7.32
C LEU B 312 -13.07 -3.55 6.11
N ILE B 313 -12.67 -3.97 4.91
CA ILE B 313 -13.36 -3.51 3.71
C ILE B 313 -14.78 -4.06 3.66
N TYR B 314 -14.95 -5.34 4.01
CA TYR B 314 -16.29 -5.91 4.03
C TYR B 314 -17.15 -5.25 5.10
N SER B 315 -16.56 -4.94 6.26
CA SER B 315 -17.33 -4.30 7.33
C SER B 315 -17.66 -2.85 7.00
N CYS B 316 -16.94 -2.25 6.05
CA CYS B 316 -17.13 -0.83 5.75
C CYS B 316 -18.07 -0.63 4.57
N LEU B 317 -17.75 -1.25 3.44
CA LEU B 317 -18.50 -1.02 2.21
C LEU B 317 -19.78 -1.84 2.18
N GLY B 318 -19.69 -3.14 2.46
CA GLY B 318 -20.86 -3.99 2.40
C GLY B 318 -21.94 -3.52 3.36
N SER B 319 -23.17 -3.38 2.84
CA SER B 319 -24.26 -2.89 3.67
C SER B 319 -24.71 -3.93 4.68
N LEU B 320 -24.87 -5.18 4.25
CA LEU B 320 -25.32 -6.22 5.16
C LEU B 320 -24.29 -6.47 6.26
N PHE B 321 -23.01 -6.52 5.89
CA PHE B 321 -21.97 -6.69 6.91
C PHE B 321 -21.96 -5.52 7.87
N ARG B 322 -22.04 -4.29 7.34
CA ARG B 322 -21.94 -3.11 8.20
C ARG B 322 -23.01 -3.10 9.28
N GLN B 323 -24.25 -3.42 8.89
CA GLN B 323 -25.36 -3.41 9.85
C GLN B 323 -25.12 -4.43 10.96
N ARG B 324 -24.71 -5.65 10.60
CA ARG B 324 -24.56 -6.70 11.61
C ARG B 324 -23.34 -6.45 12.48
N MET B 325 -22.27 -5.87 11.91
CA MET B 325 -21.12 -5.52 12.74
C MET B 325 -21.48 -4.40 13.71
N TYR B 326 -22.31 -3.43 13.29
CA TYR B 326 -22.80 -2.45 14.24
C TYR B 326 -23.65 -3.11 15.31
N GLY B 327 -24.49 -4.07 14.94
CA GLY B 327 -25.28 -4.78 15.94
C GLY B 327 -24.42 -5.48 16.95
N LEU B 328 -23.37 -6.17 16.49
CA LEU B 328 -22.44 -6.82 17.41
C LEU B 328 -21.72 -5.79 18.28
N PHE B 329 -21.31 -4.67 17.68
CA PHE B 329 -20.66 -3.61 18.44
C PHE B 329 -21.58 -3.05 19.52
N GLN B 330 -22.89 -3.13 19.30
CA GLN B 330 -23.83 -2.70 20.33
C GLN B 330 -23.68 -3.50 21.62
N SER B 331 -23.31 -4.77 21.52
CA SER B 331 -23.12 -5.61 22.69
C SER B 331 -21.89 -6.50 22.51
#